data_8D31
#
_entry.id   8D31
#
_cell.length_a   187.499
_cell.length_b   187.499
_cell.length_c   187.499
_cell.angle_alpha   90.000
_cell.angle_beta   90.000
_cell.angle_gamma   90.000
#
_symmetry.space_group_name_H-M   'P 41 3 2'
#
loop_
_entity.id
_entity.type
_entity.pdbx_description
1 polymer "DNA (5'-D(*AP*GP*GP*CP*CP*TP*AP*CP*CP*CP*TP*GP*TP*AP*CP*GP*GP*AP*CP*AP*TP*CP*AP*G)-3')"
2 polymer "DNA (5'-D(P*CP*CP*GP*TP*AP*CP*A)-3')"
3 polymer "DNA (5'-D(P*GP*GP*CP*TP*AP*AP*GP*C)-3')"
4 polymer "DNA (5'-D(*TP*CP*CP*TP*GP*AP*TP*GP*T)-3')"
5 polymer "DNA (5'-D(*AP*GP*GP*CP*CP*TP*AP*GP*CP*CP*TP*GP*TP*AP*CP*GP*GP*AP*CP*AP*TP*CP*AP*G)-3')"
6 polymer "DNA (5'-D(P*GP*GP*CP*TP*AP*GP*GP*C)-3')"
#
loop_
_entity_poly.entity_id
_entity_poly.type
_entity_poly.pdbx_seq_one_letter_code
_entity_poly.pdbx_strand_id
1 'polydeoxyribonucleotide'
;(DA)(DG)(DG)(DC)(DC)(DT)(DA)(DC)(DC)(DC)(DT)(DG)(DT)(DA)(DC)(DG)(DG)(DA)(DC)(DA)
(DT)(DC)(DA)(DG)
;
E
2 'polydeoxyribonucleotide' (DC)(DC)(DG)(DT)(DA)(DC)(DA) F,B
3 'polydeoxyribonucleotide' (DG)(DG)(DC)(DT)(DA)(DA)(DG)(DC) G
4 'polydeoxyribonucleotide' (DT)(DC)(DC)(DT)(DG)(DA)(DT)(DG)(DT) H,D
5 'polydeoxyribonucleotide'
;(DA)(DG)(DG)(DC)(DC)(DT)(DA)(DG)(DC)(DC)(DT)(DG)(DT)(DA)(DC)(DG)(DG)(DA)(DC)(DA)
(DT)(DC)(DA)(DG)
;
A
6 'polydeoxyribonucleotide' (DG)(DG)(DC)(DT)(DA)(DG)(DG)(DC) C
#
loop_
_chem_comp.id
_chem_comp.type
_chem_comp.name
_chem_comp.formula
DA DNA linking 2'-DEOXYADENOSINE-5'-MONOPHOSPHATE 'C10 H14 N5 O6 P'
DC DNA linking 2'-DEOXYCYTIDINE-5'-MONOPHOSPHATE 'C9 H14 N3 O7 P'
DG DNA linking 2'-DEOXYGUANOSINE-5'-MONOPHOSPHATE 'C10 H14 N5 O7 P'
DT DNA linking THYMIDINE-5'-MONOPHOSPHATE 'C10 H15 N2 O8 P'
#